data_5N3I
#
_entry.id   5N3I
#
_cell.length_a   51.392
_cell.length_b   71.645
_cell.length_c   97.706
_cell.angle_alpha   90.00
_cell.angle_beta   90.00
_cell.angle_gamma   90.00
#
_symmetry.space_group_name_H-M   'P 21 21 21'
#
loop_
_entity.id
_entity.type
_entity.pdbx_description
1 polymer 'cAMP-dependent protein kinase catalytic subunit alpha'
2 non-polymer 'DIMETHYL SULFOXIDE'
3 non-polymer [(2~{S})-1-methoxy-1-oxidanylidene-3-phenyl-propan-2-yl]azanium
4 water water
#
_entity_poly.entity_id   1
_entity_poly.type   'polypeptide(L)'
_entity_poly.pdbx_seq_one_letter_code
;GHMGNAAAAKKG(SEP)EQESVKEFLAKAKEEFLKKWESPSQNTAQLDHFDRIKTLGTGSFGRVMLVKHKETGNHYAMKI
LDKQKVVKLKQIEHTLNEKRILQAVNFPFLVKLEFSFKDNSNLYMVMEYVPGGEMFSHLRRIGRF(SEP)EPHARFYAAQ
IVLTFEYLHSLDLIYRDLKPENLLIDQQGYIQVTDFGFAKRVKGRTW(TPO)LCGTPEYLAPEIILSKGYNKAVDWWALG
VLIYEMAAGYPPFFADQPIQIYEKIVSGKVRFPSHFSSDLKDLLRNLLQVDLTKRFGNLKNGVNDIKNHKWFATTDWIAI
YQRKVEAPFIPKFKGPGDTSNFDDYEEEEIRV(SEP)INEKCGKEFTEF
;
_entity_poly.pdbx_strand_id   A
#
loop_
_chem_comp.id
_chem_comp.type
_chem_comp.name
_chem_comp.formula
BJQ non-polymer [(2~{S})-1-methoxy-1-oxidanylidene-3-phenyl-propan-2-yl]azanium 'C10 H14 N O2 1'
DMS non-polymer 'DIMETHYL SULFOXIDE' 'C2 H6 O S'
#
# COMPACT_ATOMS: atom_id res chain seq x y z
N GLU A 14 -8.29 23.60 -8.86
CA GLU A 14 -7.54 23.53 -7.61
C GLU A 14 -6.67 24.77 -7.47
N GLN A 15 -6.21 25.05 -6.25
CA GLN A 15 -5.32 26.19 -6.09
C GLN A 15 -4.08 25.94 -6.95
N GLU A 16 -3.62 27.01 -7.60
CA GLU A 16 -2.43 26.91 -8.40
C GLU A 16 -1.32 26.28 -7.58
N SER A 17 -1.36 26.45 -6.26
CA SER A 17 -0.34 25.86 -5.41
C SER A 17 -0.32 24.34 -5.54
N VAL A 18 -1.49 23.70 -5.59
CA VAL A 18 -1.57 22.26 -5.74
C VAL A 18 -1.17 21.85 -7.15
N LYS A 19 -1.62 22.60 -8.15
CA LYS A 19 -1.26 22.28 -9.53
C LYS A 19 0.25 22.32 -9.73
N GLU A 20 0.90 23.34 -9.18
CA GLU A 20 2.33 23.46 -9.35
C GLU A 20 3.07 22.38 -8.57
N PHE A 21 2.57 22.01 -7.39
CA PHE A 21 3.17 20.93 -6.64
C PHE A 21 3.12 19.64 -7.43
N LEU A 22 1.94 19.33 -7.98
CA LEU A 22 1.80 18.07 -8.70
C LEU A 22 2.57 18.07 -10.01
N ALA A 23 2.71 19.24 -10.65
CA ALA A 23 3.51 19.29 -11.87
C ALA A 23 4.97 18.96 -11.57
N LYS A 24 5.51 19.53 -10.48
CA LYS A 24 6.88 19.21 -10.09
C LYS A 24 7.01 17.75 -9.70
N ALA A 25 6.03 17.24 -8.94
CA ALA A 25 6.05 15.83 -8.56
C ALA A 25 6.14 14.94 -9.78
N LYS A 26 5.37 15.26 -10.81
CA LYS A 26 5.35 14.44 -12.01
C LYS A 26 6.67 14.54 -12.78
N GLU A 27 7.21 15.76 -12.90
CA GLU A 27 8.51 15.94 -13.54
C GLU A 27 9.57 15.07 -12.87
N GLU A 28 9.62 15.11 -11.54
CA GLU A 28 10.66 14.39 -10.83
C GLU A 28 10.49 12.88 -10.97
N PHE A 29 9.24 12.41 -10.90
CA PHE A 29 8.94 11.01 -11.13
C PHE A 29 9.37 10.59 -12.52
N LEU A 30 9.03 11.38 -13.54
CA LEU A 30 9.28 10.95 -14.90
C LEU A 30 10.78 10.84 -15.19
N LYS A 31 11.60 11.73 -14.61
CA LYS A 31 13.03 11.63 -14.82
C LYS A 31 13.57 10.29 -14.32
N LYS A 32 13.15 9.89 -13.12
CA LYS A 32 13.57 8.60 -12.57
C LYS A 32 12.93 7.41 -13.29
N TRP A 33 11.68 7.57 -13.74
CA TRP A 33 10.98 6.52 -14.46
C TRP A 33 11.69 6.21 -15.76
N GLU A 34 12.17 7.23 -16.46
CA GLU A 34 12.81 7.06 -17.75
C GLU A 34 14.23 6.51 -17.62
N SER A 35 14.90 6.70 -16.50
CA SER A 35 16.28 6.24 -16.30
C SER A 35 16.38 5.61 -14.92
N PRO A 36 15.86 4.38 -14.76
CA PRO A 36 15.81 3.79 -13.41
C PRO A 36 17.17 3.46 -12.84
N SER A 37 17.27 3.59 -11.53
N SER A 37 17.25 3.55 -11.52
CA SER A 37 18.48 3.10 -10.86
CA SER A 37 18.40 3.09 -10.77
C SER A 37 18.48 1.58 -10.87
C SER A 37 18.47 1.56 -10.79
N GLN A 38 19.68 1.02 -10.85
CA GLN A 38 19.89 -0.42 -10.90
C GLN A 38 21.16 -0.77 -10.14
N ASN A 39 21.15 -1.93 -9.49
CA ASN A 39 22.38 -2.54 -8.98
C ASN A 39 23.13 -1.65 -8.00
N THR A 40 22.44 -1.19 -6.95
CA THR A 40 23.00 -0.19 -6.04
C THR A 40 23.49 -0.76 -4.72
N ALA A 41 23.43 -2.07 -4.53
CA ALA A 41 24.06 -2.74 -3.39
C ALA A 41 24.26 -4.20 -3.78
N GLN A 42 24.69 -5.04 -2.84
CA GLN A 42 24.78 -6.47 -3.05
C GLN A 42 24.50 -7.16 -1.72
N LEU A 43 24.20 -8.45 -1.79
CA LEU A 43 23.69 -9.18 -0.64
C LEU A 43 24.67 -9.18 0.53
N ASP A 44 25.96 -9.35 0.25
CA ASP A 44 26.94 -9.48 1.33
C ASP A 44 27.32 -8.14 1.94
N HIS A 45 26.63 -7.07 1.57
CA HIS A 45 26.71 -5.84 2.33
C HIS A 45 25.82 -5.87 3.58
N PHE A 46 25.01 -6.91 3.76
CA PHE A 46 24.00 -6.95 4.80
C PHE A 46 24.13 -8.22 5.63
N ASP A 47 23.73 -8.11 6.89
CA ASP A 47 23.46 -9.21 7.79
C ASP A 47 21.95 -9.43 7.86
N ARG A 48 21.53 -10.70 7.86
CA ARG A 48 20.12 -11.01 8.08
C ARG A 48 19.82 -11.08 9.56
N ILE A 49 18.70 -10.49 9.94
CA ILE A 49 18.26 -10.46 11.34
C ILE A 49 17.05 -11.36 11.59
N LYS A 50 15.98 -11.23 10.80
N LYS A 50 15.97 -11.19 10.82
CA LYS A 50 14.75 -11.94 11.11
CA LYS A 50 14.72 -11.89 11.08
C LYS A 50 13.79 -11.86 9.92
C LYS A 50 13.89 -11.90 9.81
N THR A 51 13.12 -12.97 9.62
CA THR A 51 12.08 -12.97 8.60
C THR A 51 10.82 -12.33 9.15
N LEU A 52 10.32 -11.28 8.46
CA LEU A 52 9.13 -10.56 8.89
C LEU A 52 7.85 -10.96 8.15
N GLY A 53 7.97 -11.64 7.01
CA GLY A 53 6.82 -12.04 6.21
C GLY A 53 7.25 -12.98 5.11
N THR A 54 6.36 -13.86 4.64
N THR A 54 6.35 -13.87 4.67
CA THR A 54 6.74 -14.84 3.63
CA THR A 54 6.68 -14.88 3.67
C THR A 54 5.50 -15.27 2.86
C THR A 54 5.45 -15.13 2.83
N GLY A 55 5.66 -15.42 1.54
CA GLY A 55 4.56 -15.70 0.63
C GLY A 55 4.96 -16.71 -0.42
N SER A 56 4.18 -16.76 -1.50
CA SER A 56 4.37 -17.81 -2.50
C SER A 56 5.59 -17.57 -3.38
N PHE A 57 6.06 -16.34 -3.54
CA PHE A 57 7.23 -16.09 -4.37
C PHE A 57 8.27 -15.18 -3.74
N GLY A 58 8.04 -14.70 -2.50
CA GLY A 58 8.98 -13.81 -1.87
C GLY A 58 8.83 -13.79 -0.36
N ARG A 59 9.68 -12.95 0.24
CA ARG A 59 9.78 -12.79 1.69
C ARG A 59 10.22 -11.36 1.97
N VAL A 60 9.99 -10.92 3.19
CA VAL A 60 10.57 -9.66 3.68
C VAL A 60 11.39 -10.00 4.92
N MET A 61 12.62 -9.52 4.94
N MET A 61 12.62 -9.50 4.92
CA MET A 61 13.52 -9.75 6.09
CA MET A 61 13.59 -9.69 5.98
C MET A 61 14.07 -8.45 6.62
C MET A 61 13.90 -8.34 6.64
N LEU A 62 14.16 -8.36 7.95
CA LEU A 62 14.93 -7.31 8.57
C LEU A 62 16.41 -7.63 8.36
N VAL A 63 17.15 -6.65 7.83
CA VAL A 63 18.58 -6.77 7.63
C VAL A 63 19.26 -5.55 8.24
N LYS A 64 20.58 -5.68 8.44
CA LYS A 64 21.40 -4.58 8.91
C LYS A 64 22.57 -4.41 7.95
N HIS A 65 22.78 -3.18 7.52
CA HIS A 65 23.94 -2.88 6.70
C HIS A 65 25.21 -2.97 7.54
N LYS A 66 26.19 -3.76 7.07
CA LYS A 66 27.36 -4.06 7.90
C LYS A 66 28.30 -2.88 8.07
N GLU A 67 28.30 -1.92 7.16
CA GLU A 67 29.19 -0.76 7.30
C GLU A 67 28.54 0.40 8.03
N THR A 68 27.28 0.71 7.75
CA THR A 68 26.62 1.85 8.38
C THR A 68 25.87 1.48 9.66
N GLY A 69 25.49 0.22 9.83
CA GLY A 69 24.68 -0.19 10.95
C GLY A 69 23.20 0.11 10.79
N ASN A 70 22.78 0.62 9.65
CA ASN A 70 21.37 0.93 9.46
C ASN A 70 20.56 -0.34 9.22
N HIS A 71 19.34 -0.35 9.73
CA HIS A 71 18.40 -1.41 9.51
C HIS A 71 17.51 -1.10 8.31
N TYR A 72 17.13 -2.15 7.58
CA TYR A 72 16.29 -2.05 6.41
C TYR A 72 15.38 -3.27 6.35
N ALA A 73 14.27 -3.11 5.63
CA ALA A 73 13.39 -4.22 5.26
C ALA A 73 13.76 -4.63 3.83
N MET A 74 14.23 -5.85 3.67
CA MET A 74 14.66 -6.35 2.37
C MET A 74 13.61 -7.32 1.85
N LYS A 75 13.00 -6.97 0.72
CA LYS A 75 12.07 -7.85 0.02
C LYS A 75 12.88 -8.69 -0.96
N ILE A 76 12.73 -10.00 -0.88
CA ILE A 76 13.48 -10.97 -1.68
C ILE A 76 12.48 -11.75 -2.51
N LEU A 77 12.61 -11.70 -3.83
CA LEU A 77 11.73 -12.44 -4.72
C LEU A 77 12.53 -13.50 -5.46
N ASP A 78 12.02 -14.73 -5.46
CA ASP A 78 12.67 -15.83 -6.17
C ASP A 78 12.27 -15.76 -7.64
N LYS A 79 13.25 -15.51 -8.51
CA LYS A 79 12.95 -15.31 -9.94
C LYS A 79 12.17 -16.47 -10.55
N GLN A 80 12.56 -17.71 -10.24
CA GLN A 80 11.86 -18.84 -10.83
C GLN A 80 10.40 -18.89 -10.40
N LYS A 81 10.11 -18.53 -9.15
CA LYS A 81 8.73 -18.56 -8.68
C LYS A 81 7.93 -17.40 -9.24
N VAL A 82 8.57 -16.24 -9.37
CA VAL A 82 7.91 -15.11 -10.02
C VAL A 82 7.45 -15.52 -11.41
N VAL A 83 8.34 -16.19 -12.16
CA VAL A 83 7.99 -16.62 -13.52
C VAL A 83 6.84 -17.60 -13.47
N LYS A 84 6.96 -18.64 -12.62
CA LYS A 84 5.94 -19.67 -12.54
C LYS A 84 4.57 -19.09 -12.21
N LEU A 85 4.53 -18.10 -11.31
CA LEU A 85 3.26 -17.50 -10.88
C LEU A 85 2.88 -16.30 -11.72
N LYS A 86 3.54 -16.10 -12.86
CA LYS A 86 3.15 -15.10 -13.85
C LYS A 86 3.16 -13.69 -13.28
N GLN A 87 4.19 -13.40 -12.45
CA GLN A 87 4.34 -12.10 -11.82
C GLN A 87 5.50 -11.30 -12.40
N ILE A 88 6.04 -11.64 -13.59
CA ILE A 88 7.22 -10.93 -14.10
C ILE A 88 6.96 -9.43 -14.22
N GLU A 89 5.96 -9.08 -15.01
CA GLU A 89 5.69 -7.66 -15.25
C GLU A 89 5.36 -6.93 -13.97
N HIS A 90 4.62 -7.57 -13.08
CA HIS A 90 4.30 -6.95 -11.80
C HIS A 90 5.55 -6.65 -10.99
N THR A 91 6.52 -7.57 -10.98
CA THR A 91 7.74 -7.32 -10.20
C THR A 91 8.55 -6.21 -10.83
N LEU A 92 8.58 -6.15 -12.16
CA LEU A 92 9.28 -5.05 -12.82
C LEU A 92 8.58 -3.71 -12.57
N ASN A 93 7.24 -3.69 -12.60
CA ASN A 93 6.47 -2.51 -12.23
C ASN A 93 6.86 -2.05 -10.83
N GLU A 94 6.82 -2.99 -9.87
CA GLU A 94 7.01 -2.64 -8.46
C GLU A 94 8.32 -1.89 -8.29
N LYS A 95 9.41 -2.45 -8.81
CA LYS A 95 10.71 -1.84 -8.60
C LYS A 95 10.86 -0.55 -9.39
N ARG A 96 10.38 -0.52 -10.64
CA ARG A 96 10.55 0.71 -11.42
C ARG A 96 9.76 1.86 -10.82
N ILE A 97 8.57 1.57 -10.30
CA ILE A 97 7.76 2.59 -9.64
C ILE A 97 8.41 3.03 -8.35
N LEU A 98 8.77 2.08 -7.49
CA LEU A 98 9.29 2.45 -6.18
C LEU A 98 10.56 3.29 -6.28
N GLN A 99 11.43 2.97 -7.24
CA GLN A 99 12.65 3.77 -7.35
C GLN A 99 12.38 5.18 -7.85
N ALA A 100 11.19 5.45 -8.38
CA ALA A 100 10.89 6.74 -8.99
C ALA A 100 10.00 7.65 -8.15
N VAL A 101 9.32 7.13 -7.13
CA VAL A 101 8.36 7.93 -6.37
C VAL A 101 9.01 8.58 -5.16
N ASN A 102 8.32 9.57 -4.61
CA ASN A 102 8.78 10.37 -3.48
C ASN A 102 7.56 11.05 -2.87
N PHE A 103 7.11 10.58 -1.72
CA PHE A 103 5.98 11.22 -1.05
C PHE A 103 6.04 10.84 0.43
N PRO A 104 5.54 11.68 1.35
CA PRO A 104 5.80 11.43 2.78
C PRO A 104 5.23 10.13 3.31
N PHE A 105 4.23 9.55 2.65
CA PHE A 105 3.52 8.38 3.14
C PHE A 105 3.80 7.15 2.30
N LEU A 106 4.87 7.17 1.50
CA LEU A 106 5.33 6.02 0.73
C LEU A 106 6.68 5.59 1.26
N VAL A 107 6.83 4.29 1.52
N VAL A 107 6.83 4.28 1.58
CA VAL A 107 8.12 3.81 1.98
CA VAL A 107 8.11 3.76 2.07
C VAL A 107 9.17 4.15 0.93
C VAL A 107 9.18 3.96 1.00
N LYS A 108 10.37 4.38 1.42
CA LYS A 108 11.48 4.69 0.54
C LYS A 108 12.28 3.46 0.19
N LEU A 109 12.52 3.26 -1.09
CA LEU A 109 13.46 2.27 -1.59
C LEU A 109 14.86 2.85 -1.48
N GLU A 110 15.74 2.17 -0.79
CA GLU A 110 17.11 2.63 -0.60
C GLU A 110 18.08 1.96 -1.56
N PHE A 111 17.91 0.67 -1.85
CA PHE A 111 18.80 -0.03 -2.78
C PHE A 111 17.98 -1.09 -3.52
N SER A 112 18.47 -1.50 -4.69
CA SER A 112 17.94 -2.70 -5.33
C SER A 112 19.07 -3.38 -6.06
N PHE A 113 18.92 -4.69 -6.27
CA PHE A 113 19.89 -5.48 -6.99
C PHE A 113 19.29 -6.86 -7.25
N LYS A 114 20.00 -7.67 -8.02
CA LYS A 114 19.59 -9.03 -8.33
C LYS A 114 20.83 -9.89 -8.35
N ASP A 115 20.63 -11.21 -8.27
CA ASP A 115 21.73 -12.15 -8.39
C ASP A 115 21.23 -13.34 -9.21
N ASN A 116 21.96 -14.46 -9.17
CA ASN A 116 21.57 -15.56 -10.04
C ASN A 116 20.15 -16.04 -9.75
N SER A 117 19.71 -15.94 -8.49
CA SER A 117 18.43 -16.54 -8.11
C SER A 117 17.32 -15.56 -7.80
N ASN A 118 17.64 -14.41 -7.20
CA ASN A 118 16.64 -13.57 -6.57
C ASN A 118 16.73 -12.12 -7.05
N LEU A 119 15.61 -11.41 -6.82
CA LEU A 119 15.50 -9.96 -6.91
C LEU A 119 15.43 -9.41 -5.50
N TYR A 120 16.05 -8.24 -5.26
CA TYR A 120 16.10 -7.64 -3.94
C TYR A 120 15.70 -6.17 -4.01
N MET A 121 14.80 -5.78 -3.11
CA MET A 121 14.45 -4.38 -2.88
C MET A 121 14.68 -4.09 -1.41
N VAL A 122 15.56 -3.14 -1.12
CA VAL A 122 15.95 -2.82 0.24
C VAL A 122 15.29 -1.49 0.58
N MET A 123 14.38 -1.50 1.54
N MET A 123 14.29 -1.55 1.45
CA MET A 123 13.54 -0.36 1.87
CA MET A 123 13.42 -0.46 1.84
C MET A 123 13.74 0.06 3.30
C MET A 123 13.78 0.02 3.23
N GLU A 124 13.36 1.30 3.60
N GLU A 124 13.28 1.19 3.59
CA GLU A 124 13.27 1.70 5.00
CA GLU A 124 13.36 1.61 4.97
C GLU A 124 12.53 0.62 5.80
C GLU A 124 12.47 0.74 5.86
N TYR A 125 13.00 0.40 7.03
CA TYR A 125 12.32 -0.47 7.98
C TYR A 125 11.45 0.38 8.90
N VAL A 126 10.19 0.00 9.04
CA VAL A 126 9.22 0.71 9.86
C VAL A 126 8.88 -0.19 11.03
N PRO A 127 9.45 0.03 12.21
CA PRO A 127 9.30 -0.94 13.30
C PRO A 127 7.92 -0.98 13.94
N GLY A 128 7.04 -0.03 13.66
CA GLY A 128 5.75 -0.04 14.33
C GLY A 128 4.81 -1.13 13.86
N GLY A 129 5.10 -1.78 12.75
CA GLY A 129 4.27 -2.86 12.28
C GLY A 129 3.09 -2.38 11.45
N GLU A 130 2.28 -3.36 11.05
CA GLU A 130 1.14 -3.16 10.18
C GLU A 130 -0.03 -2.55 10.91
N MET A 131 -0.72 -1.64 10.21
N MET A 131 -0.75 -1.67 10.21
CA MET A 131 -2.00 -1.13 10.72
CA MET A 131 -2.00 -1.14 10.77
C MET A 131 -2.91 -2.29 11.11
C MET A 131 -2.99 -2.26 11.07
N PHE A 132 -2.92 -3.36 10.31
CA PHE A 132 -3.76 -4.52 10.57
C PHE A 132 -3.61 -5.02 12.00
N SER A 133 -2.36 -5.15 12.48
N SER A 133 -2.37 -5.17 12.49
CA SER A 133 -2.11 -5.66 13.82
CA SER A 133 -2.18 -5.69 13.83
C SER A 133 -2.73 -4.74 14.86
C SER A 133 -2.75 -4.74 14.87
N HIS A 134 -2.52 -3.44 14.70
CA HIS A 134 -3.04 -2.48 15.66
C HIS A 134 -4.56 -2.44 15.64
N LEU A 135 -5.16 -2.51 14.44
CA LEU A 135 -6.61 -2.51 14.32
C LEU A 135 -7.20 -3.72 15.03
N ARG A 136 -6.61 -4.90 14.78
CA ARG A 136 -7.14 -6.11 15.39
C ARG A 136 -6.91 -6.13 16.90
N ARG A 137 -5.87 -5.46 17.39
N ARG A 137 -5.80 -5.54 17.37
CA ARG A 137 -5.62 -5.46 18.83
CA ARG A 137 -5.56 -5.40 18.80
C ARG A 137 -6.55 -4.51 19.58
C ARG A 137 -6.71 -4.62 19.44
N ILE A 138 -6.93 -3.40 18.96
CA ILE A 138 -7.84 -2.48 19.62
C ILE A 138 -9.30 -2.73 19.26
N GLY A 139 -9.56 -3.41 18.17
CA GLY A 139 -10.92 -3.71 17.75
C GLY A 139 -11.37 -2.81 16.60
N ARG A 140 -11.52 -1.53 16.87
CA ARG A 140 -11.84 -0.55 15.83
C ARG A 140 -11.21 0.77 16.21
N PHE A 141 -10.98 1.62 15.23
CA PHE A 141 -10.47 2.96 15.47
C PHE A 141 -11.64 3.93 15.58
N SEP A 142 -11.51 4.94 16.44
CA SEP A 142 -12.50 6.01 16.47
CB SEP A 142 -12.17 6.99 17.60
OG SEP A 142 -10.98 7.71 17.24
C SEP A 142 -12.51 6.75 15.13
O SEP A 142 -11.56 6.65 14.34
P SEP A 142 -10.30 8.62 18.42
O1P SEP A 142 -9.87 7.53 19.49
O2P SEP A 142 -9.06 9.26 17.75
O3P SEP A 142 -11.34 9.54 19.02
H SEP A 142 -10.86 5.02 17.00
HA SEP A 142 -13.39 5.63 16.64
HB2 SEP A 142 -12.02 6.49 18.41
HB3 SEP A 142 -12.91 7.61 17.70
N GLU A 143 -13.56 7.52 14.86
CA GLU A 143 -13.60 8.24 13.59
C GLU A 143 -12.43 9.21 13.41
N PRO A 144 -12.03 9.97 14.45
CA PRO A 144 -10.86 10.85 14.25
C PRO A 144 -9.61 10.08 13.88
N HIS A 145 -9.42 8.92 14.50
CA HIS A 145 -8.24 8.08 14.26
C HIS A 145 -8.27 7.52 12.84
N ALA A 146 -9.41 6.93 12.45
CA ALA A 146 -9.57 6.45 11.09
C ALA A 146 -9.37 7.58 10.07
N ARG A 147 -9.91 8.77 10.37
CA ARG A 147 -9.84 9.91 9.46
C ARG A 147 -8.40 10.38 9.26
N PHE A 148 -7.59 10.38 10.32
CA PHE A 148 -6.18 10.75 10.21
C PHE A 148 -5.46 9.83 9.20
N TYR A 149 -5.67 8.52 9.31
CA TYR A 149 -5.07 7.59 8.33
C TYR A 149 -5.68 7.76 6.95
N ALA A 150 -7.00 7.91 6.88
CA ALA A 150 -7.67 8.06 5.60
C ALA A 150 -7.15 9.29 4.85
N ALA A 151 -6.93 10.39 5.58
CA ALA A 151 -6.44 11.61 4.94
C ALA A 151 -5.08 11.36 4.27
N GLN A 152 -4.21 10.60 4.94
CA GLN A 152 -2.92 10.26 4.35
C GLN A 152 -3.09 9.45 3.08
N ILE A 153 -4.03 8.49 3.06
CA ILE A 153 -4.27 7.73 1.85
C ILE A 153 -4.84 8.59 0.74
N VAL A 154 -5.76 9.50 1.06
CA VAL A 154 -6.29 10.41 0.05
C VAL A 154 -5.18 11.21 -0.61
N LEU A 155 -4.28 11.79 0.20
CA LEU A 155 -3.19 12.56 -0.37
C LEU A 155 -2.25 11.68 -1.19
N THR A 156 -1.97 10.46 -0.70
CA THR A 156 -1.09 9.54 -1.41
C THR A 156 -1.68 9.15 -2.75
N PHE A 157 -2.98 8.86 -2.79
CA PHE A 157 -3.63 8.53 -4.06
C PHE A 157 -3.70 9.73 -4.99
N GLU A 158 -3.90 10.93 -4.46
CA GLU A 158 -3.84 12.11 -5.32
C GLU A 158 -2.48 12.19 -6.00
N TYR A 159 -1.40 11.99 -5.23
CA TYR A 159 -0.05 11.97 -5.77
C TYR A 159 0.10 10.85 -6.81
N LEU A 160 -0.20 9.61 -6.42
CA LEU A 160 0.03 8.49 -7.33
C LEU A 160 -0.78 8.64 -8.61
N HIS A 161 -2.06 8.97 -8.48
CA HIS A 161 -2.91 9.06 -9.66
C HIS A 161 -2.45 10.17 -10.60
N SER A 162 -1.90 11.26 -10.05
N SER A 162 -1.93 11.27 -10.04
CA SER A 162 -1.40 12.34 -10.89
CA SER A 162 -1.41 12.35 -10.88
C SER A 162 -0.18 11.93 -11.71
C SER A 162 -0.27 11.84 -11.77
N LEU A 163 0.52 10.90 -11.27
CA LEU A 163 1.62 10.29 -12.01
C LEU A 163 1.16 9.15 -12.92
N ASP A 164 -0.15 8.96 -13.08
CA ASP A 164 -0.73 7.88 -13.87
C ASP A 164 -0.48 6.51 -13.23
N LEU A 165 -0.33 6.46 -11.91
CA LEU A 165 -0.10 5.22 -11.20
C LEU A 165 -1.38 4.77 -10.50
N ILE A 166 -1.72 3.49 -10.64
CA ILE A 166 -2.78 2.84 -9.87
C ILE A 166 -2.11 1.93 -8.85
N TYR A 167 -2.58 1.96 -7.60
CA TYR A 167 -1.92 1.23 -6.51
C TYR A 167 -2.37 -0.23 -6.44
N ARG A 168 -3.68 -0.47 -6.39
CA ARG A 168 -4.32 -1.78 -6.55
C ARG A 168 -4.07 -2.76 -5.42
N ASP A 169 -3.57 -2.35 -4.27
CA ASP A 169 -3.49 -3.32 -3.19
C ASP A 169 -3.72 -2.64 -1.84
N LEU A 170 -4.63 -1.68 -1.77
CA LEU A 170 -4.90 -1.06 -0.48
C LEU A 170 -5.57 -2.06 0.46
N LYS A 171 -5.02 -2.21 1.65
CA LYS A 171 -5.54 -3.06 2.72
C LYS A 171 -4.68 -2.78 3.96
N PRO A 172 -5.20 -3.08 5.16
CA PRO A 172 -4.46 -2.69 6.37
C PRO A 172 -3.10 -3.33 6.52
N GLU A 173 -2.88 -4.50 5.94
CA GLU A 173 -1.58 -5.17 6.03
C GLU A 173 -0.48 -4.42 5.29
N ASN A 174 -0.83 -3.57 4.34
CA ASN A 174 0.15 -2.86 3.51
C ASN A 174 0.46 -1.46 4.02
N LEU A 175 -0.09 -1.08 5.17
CA LEU A 175 0.06 0.25 5.72
C LEU A 175 0.82 0.10 7.04
N LEU A 176 2.07 0.51 7.07
CA LEU A 176 2.89 0.41 8.26
C LEU A 176 2.77 1.71 9.04
N ILE A 177 2.88 1.60 10.36
N ILE A 177 2.88 1.62 10.36
CA ILE A 177 2.79 2.75 11.25
CA ILE A 177 2.76 2.78 11.24
C ILE A 177 4.20 3.10 11.71
C ILE A 177 4.14 3.14 11.77
N ASP A 178 4.60 4.34 11.45
CA ASP A 178 5.98 4.74 11.68
C ASP A 178 6.17 5.33 13.07
N GLN A 179 7.40 5.78 13.33
CA GLN A 179 7.80 6.24 14.63
C GLN A 179 7.08 7.51 15.06
N GLN A 180 6.45 8.24 14.14
N GLN A 180 6.44 8.22 14.13
CA GLN A 180 5.64 9.39 14.46
CA GLN A 180 5.65 9.40 14.42
C GLN A 180 4.15 9.07 14.44
C GLN A 180 4.15 9.07 14.48
N GLY A 181 3.79 7.80 14.22
CA GLY A 181 2.40 7.40 14.14
C GLY A 181 1.74 7.62 12.78
N TYR A 182 2.50 7.98 11.77
CA TYR A 182 1.99 8.18 10.43
C TYR A 182 2.09 6.88 9.60
N ILE A 183 1.34 6.84 8.54
CA ILE A 183 1.34 5.69 7.63
C ILE A 183 2.50 5.75 6.65
N GLN A 184 3.05 4.57 6.39
N GLN A 184 3.04 4.57 6.33
CA GLN A 184 3.93 4.30 5.25
CA GLN A 184 3.93 4.40 5.19
C GLN A 184 3.28 3.19 4.44
C GLN A 184 3.46 3.20 4.38
N VAL A 185 2.97 3.46 3.17
CA VAL A 185 2.46 2.44 2.28
C VAL A 185 3.62 1.63 1.78
N THR A 186 3.48 0.33 1.93
CA THR A 186 4.41 -0.63 1.45
C THR A 186 3.68 -1.59 0.49
N ASP A 187 4.47 -2.31 -0.22
CA ASP A 187 4.07 -3.34 -1.15
C ASP A 187 3.47 -2.70 -2.38
N PHE A 188 4.30 -2.50 -3.38
CA PHE A 188 3.90 -2.01 -4.67
C PHE A 188 3.82 -3.12 -5.72
N GLY A 189 3.61 -4.36 -5.26
CA GLY A 189 3.60 -5.51 -6.15
C GLY A 189 2.55 -5.45 -7.25
N PHE A 190 1.42 -4.78 -7.01
CA PHE A 190 0.37 -4.64 -8.02
C PHE A 190 0.29 -3.23 -8.59
N ALA A 191 1.17 -2.32 -8.21
CA ALA A 191 1.09 -0.96 -8.70
C ALA A 191 1.50 -0.94 -10.18
N LYS A 192 0.89 -0.05 -10.94
CA LYS A 192 1.13 -0.02 -12.38
C LYS A 192 0.94 1.39 -12.92
N ARG A 193 1.80 1.76 -13.89
CA ARG A 193 1.57 2.99 -14.62
C ARG A 193 0.62 2.72 -15.78
N VAL A 194 -0.52 3.39 -15.75
CA VAL A 194 -1.70 3.14 -16.58
C VAL A 194 -2.23 4.49 -17.01
N LYS A 195 -2.20 4.77 -18.32
CA LYS A 195 -2.98 5.85 -18.91
C LYS A 195 -4.18 5.15 -19.54
N GLY A 196 -5.32 5.32 -18.92
CA GLY A 196 -6.54 4.70 -19.40
C GLY A 196 -6.91 3.50 -18.55
N ARG A 197 -7.08 2.37 -19.19
CA ARG A 197 -7.61 1.18 -18.55
C ARG A 197 -6.54 0.11 -18.45
N THR A 198 -6.78 -0.82 -17.52
CA THR A 198 -5.96 -2.01 -17.38
C THR A 198 -6.88 -3.17 -17.02
N TRP A 199 -6.37 -4.40 -17.13
CA TRP A 199 -7.27 -5.55 -17.08
C TRP A 199 -6.91 -6.67 -16.09
N TPO A 200 -5.77 -6.61 -15.42
CA TPO A 200 -5.32 -7.78 -14.68
CB TPO A 200 -3.84 -7.66 -14.27
CG2 TPO A 200 -3.33 -8.97 -13.69
OG1 TPO A 200 -3.07 -7.37 -15.44
P TPO A 200 -2.35 -5.92 -15.41
O1P TPO A 200 -1.75 -5.73 -16.83
O2P TPO A 200 -1.37 -5.88 -14.28
O3P TPO A 200 -3.49 -4.86 -15.19
C TPO A 200 -6.18 -8.00 -13.45
O TPO A 200 -6.43 -7.09 -12.66
H TPO A 200 -5.24 -5.93 -15.38
HA TPO A 200 -5.42 -8.57 -15.26
HB TPO A 200 -3.73 -6.86 -13.53
HG21 TPO A 200 -2.29 -8.87 -13.40
HG22 TPO A 200 -3.43 -9.77 -14.44
HG23 TPO A 200 -3.93 -9.24 -12.81
N LEU A 201 -6.54 -9.25 -13.18
CA LEU A 201 -7.20 -9.62 -11.94
C LEU A 201 -6.13 -9.69 -10.86
N CYS A 202 -6.17 -8.74 -9.93
CA CYS A 202 -5.25 -8.71 -8.81
C CYS A 202 -5.86 -7.87 -7.71
N GLY A 203 -5.47 -8.18 -6.47
N GLY A 203 -5.21 -7.92 -6.56
CA GLY A 203 -6.00 -7.54 -5.27
CA GLY A 203 -5.72 -7.31 -5.35
C GLY A 203 -6.57 -8.50 -4.24
C GLY A 203 -5.95 -8.37 -4.32
N THR A 204 -6.60 -8.11 -2.96
N THR A 204 -6.85 -8.08 -3.39
CA THR A 204 -7.20 -9.04 -2.01
CA THR A 204 -7.22 -8.95 -2.28
C THR A 204 -8.72 -9.03 -2.15
C THR A 204 -8.75 -9.00 -2.21
N PRO A 205 -9.36 -10.19 -2.05
CA PRO A 205 -10.83 -10.28 -2.27
C PRO A 205 -11.71 -9.23 -1.62
N GLU A 206 -11.56 -8.98 -0.31
N GLU A 206 -11.51 -8.96 -0.33
CA GLU A 206 -12.48 -8.07 0.37
CA GLU A 206 -12.36 -8.05 0.40
C GLU A 206 -12.40 -6.65 -0.18
C GLU A 206 -12.30 -6.62 -0.13
N TYR A 207 -11.31 -6.29 -0.87
N TYR A 207 -11.25 -6.26 -0.88
CA TYR A 207 -11.03 -4.93 -1.30
CA TYR A 207 -11.01 -4.89 -1.32
C TYR A 207 -11.28 -4.70 -2.79
C TYR A 207 -11.21 -4.71 -2.82
N LEU A 208 -11.62 -5.74 -3.55
CA LEU A 208 -11.78 -5.62 -4.99
C LEU A 208 -13.02 -4.82 -5.36
N ALA A 209 -12.87 -3.89 -6.30
CA ALA A 209 -14.01 -3.17 -6.84
C ALA A 209 -14.82 -4.09 -7.76
N PRO A 210 -16.11 -3.79 -7.92
CA PRO A 210 -16.95 -4.65 -8.77
C PRO A 210 -16.38 -4.81 -10.16
N GLU A 211 -15.82 -3.76 -10.76
CA GLU A 211 -15.36 -3.84 -12.14
C GLU A 211 -14.16 -4.77 -12.29
N ILE A 212 -13.38 -4.97 -11.22
CA ILE A 212 -12.33 -6.01 -11.24
C ILE A 212 -12.97 -7.40 -11.23
N ILE A 213 -13.91 -7.62 -10.32
CA ILE A 213 -14.59 -8.90 -10.21
C ILE A 213 -15.25 -9.29 -11.52
N LEU A 214 -15.84 -8.33 -12.20
CA LEU A 214 -16.55 -8.57 -13.44
C LEU A 214 -15.64 -8.57 -14.67
N SER A 215 -14.33 -8.54 -14.50
N SER A 215 -14.32 -8.52 -14.48
CA SER A 215 -13.39 -8.71 -15.62
CA SER A 215 -13.36 -8.72 -15.57
C SER A 215 -13.51 -7.60 -16.66
C SER A 215 -13.40 -7.60 -16.61
N LYS A 216 -13.70 -6.37 -16.18
CA LYS A 216 -13.76 -5.21 -17.06
C LYS A 216 -12.39 -4.56 -17.19
N GLY A 217 -12.29 -3.67 -18.17
CA GLY A 217 -11.18 -2.74 -18.23
C GLY A 217 -11.37 -1.64 -17.21
N TYR A 218 -10.54 -1.59 -16.19
CA TYR A 218 -10.78 -0.69 -15.08
C TYR A 218 -9.68 0.36 -14.97
N ASN A 219 -9.91 1.34 -14.10
CA ASN A 219 -9.02 2.49 -14.00
C ASN A 219 -8.79 2.84 -12.53
N LYS A 220 -8.28 4.05 -12.28
CA LYS A 220 -7.90 4.46 -10.93
C LYS A 220 -9.08 4.52 -9.96
N ALA A 221 -10.31 4.47 -10.46
CA ALA A 221 -11.46 4.44 -9.57
C ALA A 221 -11.44 3.23 -8.65
N VAL A 222 -10.74 2.16 -9.02
CA VAL A 222 -10.68 1.01 -8.12
C VAL A 222 -9.97 1.34 -6.81
N ASP A 223 -9.02 2.27 -6.85
CA ASP A 223 -8.33 2.66 -5.62
C ASP A 223 -9.29 3.42 -4.69
N TRP A 224 -10.17 4.25 -5.25
CA TRP A 224 -11.13 4.97 -4.41
C TRP A 224 -12.15 4.03 -3.80
N TRP A 225 -12.59 3.01 -4.55
CA TRP A 225 -13.42 1.96 -3.97
C TRP A 225 -12.71 1.33 -2.78
N ALA A 226 -11.45 0.94 -2.97
CA ALA A 226 -10.69 0.30 -1.90
C ALA A 226 -10.54 1.22 -0.69
N LEU A 227 -10.43 2.53 -0.90
CA LEU A 227 -10.40 3.45 0.23
C LEU A 227 -11.71 3.36 1.03
N GLY A 228 -12.85 3.27 0.33
CA GLY A 228 -14.10 3.09 1.03
C GLY A 228 -14.10 1.84 1.89
N VAL A 229 -13.59 0.73 1.35
CA VAL A 229 -13.48 -0.50 2.12
C VAL A 229 -12.60 -0.28 3.35
N LEU A 230 -11.44 0.35 3.15
CA LEU A 230 -10.48 0.59 4.23
C LEU A 230 -11.11 1.43 5.33
N ILE A 231 -11.75 2.54 4.95
CA ILE A 231 -12.33 3.41 5.97
C ILE A 231 -13.40 2.67 6.76
N TYR A 232 -14.26 1.93 6.06
CA TYR A 232 -15.26 1.12 6.75
C TYR A 232 -14.58 0.17 7.74
N GLU A 233 -13.56 -0.56 7.26
CA GLU A 233 -12.91 -1.55 8.13
C GLU A 233 -12.25 -0.89 9.33
N MET A 234 -11.56 0.24 9.12
CA MET A 234 -10.96 0.95 10.25
C MET A 234 -12.00 1.34 11.29
N ALA A 235 -13.14 1.85 10.84
CA ALA A 235 -14.13 2.40 11.76
C ALA A 235 -15.05 1.34 12.37
N ALA A 236 -15.24 0.20 11.68
CA ALA A 236 -16.10 -0.87 12.18
C ALA A 236 -15.33 -1.99 12.85
N GLY A 237 -14.11 -2.26 12.39
CA GLY A 237 -13.31 -3.38 12.85
C GLY A 237 -13.37 -4.58 11.93
N TYR A 238 -14.17 -4.52 10.87
CA TYR A 238 -14.34 -5.60 9.90
C TYR A 238 -14.73 -4.96 8.59
N PRO A 239 -14.49 -5.62 7.46
CA PRO A 239 -14.78 -5.00 6.18
C PRO A 239 -16.25 -5.14 5.80
N PRO A 240 -16.71 -4.32 4.87
CA PRO A 240 -18.15 -4.25 4.58
C PRO A 240 -18.73 -5.43 3.88
N PHE A 241 -17.94 -6.17 3.12
N PHE A 241 -17.93 -6.07 3.05
CA PHE A 241 -18.51 -7.25 2.30
CA PHE A 241 -18.31 -7.27 2.32
C PHE A 241 -18.11 -8.60 2.83
C PHE A 241 -17.46 -8.35 2.95
N PHE A 242 -17.81 -8.66 4.12
N PHE A 242 -17.90 -8.77 4.13
CA PHE A 242 -17.27 -9.85 4.74
CA PHE A 242 -17.29 -9.88 4.81
C PHE A 242 -18.14 -11.08 4.46
C PHE A 242 -18.13 -11.12 4.57
N ALA A 243 -17.48 -12.19 4.16
CA ALA A 243 -18.11 -13.49 4.07
C ALA A 243 -17.00 -14.53 4.22
N ASP A 244 -17.42 -15.79 4.35
CA ASP A 244 -16.49 -16.88 4.65
C ASP A 244 -15.63 -17.31 3.46
N GLN A 245 -16.17 -17.26 2.23
CA GLN A 245 -15.47 -17.69 1.02
C GLN A 245 -15.44 -16.57 -0.02
N PRO A 246 -14.41 -16.54 -0.88
CA PRO A 246 -14.34 -15.45 -1.88
C PRO A 246 -15.60 -15.28 -2.72
N ILE A 247 -16.20 -16.37 -3.21
CA ILE A 247 -17.33 -16.20 -4.11
C ILE A 247 -18.47 -15.46 -3.41
N GLN A 248 -18.65 -15.73 -2.11
CA GLN A 248 -19.69 -15.05 -1.34
C GLN A 248 -19.32 -13.59 -1.13
N ILE A 249 -18.04 -13.29 -0.94
CA ILE A 249 -17.60 -11.90 -0.87
C ILE A 249 -17.94 -11.18 -2.17
N TYR A 250 -17.61 -11.81 -3.30
CA TYR A 250 -17.79 -11.15 -4.59
C TYR A 250 -19.26 -10.89 -4.87
N GLU A 251 -20.13 -11.82 -4.50
CA GLU A 251 -21.56 -11.59 -4.68
C GLU A 251 -22.01 -10.36 -3.90
N LYS A 252 -21.49 -10.18 -2.69
CA LYS A 252 -21.86 -9.01 -1.90
C LYS A 252 -21.32 -7.73 -2.53
N ILE A 253 -20.08 -7.76 -2.98
CA ILE A 253 -19.47 -6.56 -3.58
C ILE A 253 -20.29 -6.09 -4.77
N VAL A 254 -20.65 -7.00 -5.68
CA VAL A 254 -21.33 -6.56 -6.89
C VAL A 254 -22.78 -6.14 -6.64
N SER A 255 -23.36 -6.50 -5.49
CA SER A 255 -24.79 -6.32 -5.26
C SER A 255 -25.23 -4.87 -5.13
N GLY A 256 -24.36 -3.98 -4.70
CA GLY A 256 -24.76 -2.62 -4.44
C GLY A 256 -25.41 -2.40 -3.08
N LYS A 257 -25.22 -3.34 -2.14
CA LYS A 257 -25.82 -3.28 -0.81
C LYS A 257 -24.73 -3.29 0.26
N VAL A 258 -24.78 -2.32 1.16
CA VAL A 258 -23.85 -2.28 2.28
C VAL A 258 -24.66 -1.85 3.49
N ARG A 259 -24.35 -2.45 4.63
CA ARG A 259 -25.00 -2.08 5.88
C ARG A 259 -23.96 -1.46 6.79
N PHE A 260 -24.33 -0.43 7.48
CA PHE A 260 -23.44 0.33 8.32
C PHE A 260 -23.80 0.11 9.78
N PRO A 261 -22.80 -0.01 10.66
CA PRO A 261 -23.09 -0.03 12.10
C PRO A 261 -23.79 1.26 12.52
N SER A 262 -24.69 1.14 13.48
N SER A 262 -24.69 1.12 13.49
CA SER A 262 -25.37 2.32 13.97
CA SER A 262 -25.37 2.27 14.07
C SER A 262 -24.41 3.33 14.62
C SER A 262 -24.38 3.33 14.54
N HIS A 263 -23.24 2.90 15.09
CA HIS A 263 -22.32 3.86 15.68
C HIS A 263 -21.67 4.76 14.65
N PHE A 264 -21.71 4.43 13.37
CA PHE A 264 -21.14 5.32 12.35
C PHE A 264 -21.90 6.65 12.35
N SER A 265 -21.17 7.74 12.22
CA SER A 265 -21.79 9.03 12.01
C SER A 265 -22.50 9.09 10.65
N SER A 266 -23.47 10.00 10.54
CA SER A 266 -24.14 10.20 9.26
C SER A 266 -23.16 10.63 8.19
N ASP A 267 -22.21 11.50 8.52
CA ASP A 267 -21.23 11.94 7.55
C ASP A 267 -20.39 10.77 7.06
N LEU A 268 -19.98 9.89 7.96
CA LEU A 268 -19.20 8.72 7.54
C LEU A 268 -20.00 7.86 6.59
N LYS A 269 -21.26 7.57 6.94
CA LYS A 269 -22.10 6.76 6.07
C LYS A 269 -22.23 7.40 4.68
N ASP A 270 -22.44 8.72 4.62
CA ASP A 270 -22.59 9.38 3.33
C ASP A 270 -21.33 9.26 2.51
N LEU A 271 -20.17 9.51 3.11
CA LEU A 271 -18.92 9.40 2.36
C LEU A 271 -18.76 7.97 1.83
N LEU A 272 -18.99 6.99 2.68
CA LEU A 272 -18.82 5.60 2.28
C LEU A 272 -19.78 5.20 1.17
N ARG A 273 -21.04 5.68 1.20
CA ARG A 273 -21.94 5.33 0.11
C ARG A 273 -21.41 5.85 -1.22
N ASN A 274 -20.72 6.99 -1.21
CA ASN A 274 -20.19 7.59 -2.43
C ASN A 274 -18.87 6.95 -2.89
N LEU A 275 -18.05 6.46 -1.96
CA LEU A 275 -16.85 5.69 -2.34
C LEU A 275 -17.20 4.28 -2.79
N LEU A 276 -18.24 3.68 -2.22
CA LEU A 276 -18.67 2.32 -2.52
C LEU A 276 -19.79 2.30 -3.54
N GLN A 277 -19.78 3.24 -4.49
N GLN A 277 -19.76 3.21 -4.49
CA GLN A 277 -20.67 3.20 -5.65
CA GLN A 277 -20.72 3.16 -5.59
C GLN A 277 -20.23 2.10 -6.59
C GLN A 277 -20.30 2.10 -6.58
N VAL A 278 -21.15 1.18 -6.87
N VAL A 278 -21.20 1.15 -6.83
CA VAL A 278 -20.82 0.11 -7.81
CA VAL A 278 -20.89 0.10 -7.80
C VAL A 278 -20.70 0.63 -9.23
C VAL A 278 -20.63 0.70 -9.18
N ASP A 279 -21.42 1.69 -9.56
CA ASP A 279 -21.28 2.32 -10.88
C ASP A 279 -20.08 3.25 -10.79
N LEU A 280 -18.98 2.88 -11.46
CA LEU A 280 -17.74 3.63 -11.31
C LEU A 280 -17.86 5.06 -11.83
N THR A 281 -18.84 5.34 -12.69
CA THR A 281 -19.04 6.69 -13.21
C THR A 281 -19.69 7.61 -12.18
N LYS A 282 -20.13 7.06 -11.05
CA LYS A 282 -20.76 7.79 -9.97
C LYS A 282 -19.90 7.82 -8.71
N ARG A 283 -18.71 7.24 -8.76
CA ARG A 283 -17.92 7.03 -7.55
C ARG A 283 -17.06 8.24 -7.21
N PHE A 284 -17.10 8.64 -5.93
CA PHE A 284 -16.23 9.71 -5.47
C PHE A 284 -14.77 9.39 -5.75
N GLY A 285 -14.06 10.42 -6.15
CA GLY A 285 -12.72 10.30 -6.66
C GLY A 285 -12.68 10.18 -8.16
N ASN A 286 -13.80 9.81 -8.78
CA ASN A 286 -13.87 9.60 -10.21
C ASN A 286 -14.90 10.50 -10.90
N LEU A 287 -15.43 11.50 -10.21
CA LEU A 287 -16.32 12.46 -10.82
C LEU A 287 -15.49 13.61 -11.42
N LYS A 288 -16.17 14.58 -12.02
CA LYS A 288 -15.44 15.66 -12.66
C LYS A 288 -14.56 16.45 -11.68
N ASN A 289 -14.97 16.57 -10.42
N ASN A 289 -14.97 16.53 -10.43
CA ASN A 289 -14.13 17.27 -9.44
CA ASN A 289 -14.25 17.23 -9.38
C ASN A 289 -13.07 16.38 -8.81
C ASN A 289 -13.19 16.34 -8.71
N GLY A 290 -13.01 15.12 -9.20
CA GLY A 290 -11.89 14.28 -8.77
C GLY A 290 -11.78 14.16 -7.26
N VAL A 291 -10.54 14.27 -6.79
CA VAL A 291 -10.28 14.06 -5.36
C VAL A 291 -10.95 15.12 -4.51
N ASN A 292 -11.26 16.29 -5.07
CA ASN A 292 -11.82 17.35 -4.23
C ASN A 292 -13.20 17.02 -3.70
N ASP A 293 -13.96 16.13 -4.35
CA ASP A 293 -15.23 15.71 -3.77
C ASP A 293 -15.00 15.00 -2.44
N ILE A 294 -13.88 14.29 -2.33
CA ILE A 294 -13.51 13.62 -1.08
C ILE A 294 -12.98 14.62 -0.08
N LYS A 295 -12.02 15.45 -0.48
CA LYS A 295 -11.39 16.38 0.45
C LYS A 295 -12.38 17.37 1.04
N ASN A 296 -13.39 17.76 0.27
CA ASN A 296 -14.40 18.72 0.68
C ASN A 296 -15.60 18.10 1.37
N HIS A 297 -15.63 16.78 1.51
CA HIS A 297 -16.77 16.14 2.14
C HIS A 297 -16.82 16.52 3.64
N LYS A 298 -18.03 16.64 4.17
N LYS A 298 -18.03 16.60 4.18
CA LYS A 298 -18.18 16.99 5.58
CA LYS A 298 -18.17 17.00 5.58
C LYS A 298 -17.41 16.05 6.52
C LYS A 298 -17.43 16.06 6.54
N TRP A 299 -17.27 14.77 6.20
CA TRP A 299 -16.54 13.89 7.12
C TRP A 299 -15.10 14.36 7.31
N PHE A 300 -14.53 15.06 6.33
CA PHE A 300 -13.18 15.58 6.39
C PHE A 300 -13.12 17.06 6.82
N ALA A 301 -14.21 17.63 7.36
CA ALA A 301 -14.18 19.04 7.68
C ALA A 301 -13.10 19.42 8.68
N THR A 302 -12.74 18.53 9.59
CA THR A 302 -11.71 18.83 10.59
C THR A 302 -10.30 18.59 10.06
N THR A 303 -10.13 18.06 8.85
CA THR A 303 -8.81 17.70 8.37
C THR A 303 -8.08 18.90 7.77
N ASP A 304 -6.90 19.17 8.29
CA ASP A 304 -6.01 20.19 7.76
C ASP A 304 -5.04 19.47 6.81
N TRP A 305 -5.40 19.48 5.53
CA TRP A 305 -4.69 18.69 4.54
C TRP A 305 -3.20 19.05 4.47
N ILE A 306 -2.88 20.34 4.52
CA ILE A 306 -1.49 20.75 4.46
C ILE A 306 -0.73 20.31 5.70
N ALA A 307 -1.34 20.44 6.88
CA ALA A 307 -0.66 20.04 8.10
C ALA A 307 -0.40 18.53 8.10
N ILE A 308 -1.33 17.74 7.58
CA ILE A 308 -1.11 16.29 7.46
C ILE A 308 0.07 16.03 6.54
N TYR A 309 0.08 16.64 5.35
CA TYR A 309 1.20 16.47 4.42
C TYR A 309 2.53 16.82 5.07
N GLN A 310 2.58 17.91 5.84
CA GLN A 310 3.78 18.39 6.50
C GLN A 310 4.11 17.61 7.75
N ARG A 311 3.30 16.62 8.13
N ARG A 311 3.28 16.63 8.12
CA ARG A 311 3.54 15.82 9.33
CA ARG A 311 3.49 15.83 9.31
C ARG A 311 3.55 16.66 10.60
C ARG A 311 3.61 16.72 10.55
N LYS A 312 2.72 17.70 10.64
CA LYS A 312 2.65 18.60 11.78
C LYS A 312 1.54 18.25 12.76
N VAL A 313 0.67 17.31 12.41
CA VAL A 313 -0.43 16.87 13.28
C VAL A 313 0.10 15.79 14.23
N GLU A 314 -0.25 15.90 15.51
CA GLU A 314 0.07 14.82 16.45
C GLU A 314 -0.78 13.59 16.14
N ALA A 315 -0.14 12.45 15.98
CA ALA A 315 -0.85 11.25 15.58
C ALA A 315 -1.70 10.66 16.71
N PRO A 316 -2.67 9.82 16.33
CA PRO A 316 -3.52 9.14 17.33
C PRO A 316 -2.76 8.31 18.32
N PHE A 317 -1.74 7.58 17.88
CA PHE A 317 -0.86 6.85 18.80
C PHE A 317 0.45 6.60 18.12
N ILE A 318 1.46 6.42 18.95
CA ILE A 318 2.80 6.02 18.55
C ILE A 318 2.91 4.53 18.89
N PRO A 319 3.26 3.70 17.94
CA PRO A 319 3.46 2.29 18.27
C PRO A 319 4.52 2.14 19.34
N LYS A 320 4.37 1.10 20.14
CA LYS A 320 5.37 0.76 21.14
C LYS A 320 6.47 -0.08 20.51
N PHE A 321 7.70 0.40 20.61
CA PHE A 321 8.84 -0.33 20.10
C PHE A 321 10.06 0.26 20.79
N LYS A 322 11.14 -0.52 20.81
CA LYS A 322 12.32 -0.15 21.61
C LYS A 322 13.40 0.56 20.81
N GLY A 323 13.36 0.48 19.50
CA GLY A 323 14.39 1.07 18.67
C GLY A 323 14.28 0.57 17.26
N PRO A 324 15.20 1.02 16.39
CA PRO A 324 15.08 0.71 14.97
C PRO A 324 15.29 -0.74 14.61
N GLY A 325 15.81 -1.55 15.52
CA GLY A 325 15.97 -2.96 15.31
C GLY A 325 14.94 -3.83 15.99
N ASP A 326 13.95 -3.23 16.65
N ASP A 326 13.94 -3.22 16.62
CA ASP A 326 12.97 -4.02 17.36
CA ASP A 326 12.89 -3.94 17.33
C ASP A 326 12.00 -4.64 16.36
C ASP A 326 11.98 -4.63 16.32
N THR A 327 11.77 -5.95 16.50
CA THR A 327 10.88 -6.73 15.65
C THR A 327 9.60 -7.16 16.36
N SER A 328 9.35 -6.62 17.56
N SER A 328 9.32 -6.60 17.56
CA SER A 328 8.24 -7.09 18.39
CA SER A 328 8.23 -7.06 18.41
C SER A 328 6.87 -6.92 17.73
C SER A 328 6.84 -6.83 17.83
N ASN A 329 6.70 -5.93 16.86
CA ASN A 329 5.41 -5.67 16.22
C ASN A 329 5.18 -6.51 14.99
N PHE A 330 6.11 -7.39 14.65
CA PHE A 330 5.98 -8.35 13.57
C PHE A 330 5.93 -9.75 14.16
N ASP A 331 5.49 -10.70 13.33
N ASP A 331 5.51 -10.70 13.38
CA ASP A 331 5.20 -12.08 13.68
CA ASP A 331 5.29 -12.03 13.92
C ASP A 331 6.45 -12.96 13.57
C ASP A 331 6.35 -13.01 13.39
N ASP A 332 6.29 -14.23 13.90
CA ASP A 332 7.37 -15.19 13.85
C ASP A 332 7.15 -16.20 12.72
N TYR A 333 8.19 -16.38 11.92
CA TYR A 333 8.19 -17.29 10.79
C TYR A 333 9.44 -18.17 10.85
N GLU A 334 9.33 -19.38 10.30
N GLU A 334 9.35 -19.35 10.27
CA GLU A 334 10.51 -20.20 10.09
CA GLU A 334 10.51 -20.23 10.16
C GLU A 334 11.57 -19.37 9.37
C GLU A 334 11.58 -19.58 9.28
N GLU A 335 12.83 -19.56 9.77
CA GLU A 335 13.92 -18.92 9.05
C GLU A 335 14.43 -19.85 7.97
N GLU A 336 14.38 -19.41 6.71
CA GLU A 336 14.82 -20.19 5.56
C GLU A 336 16.01 -19.53 4.90
N GLU A 337 16.83 -20.35 4.20
CA GLU A 337 18.03 -19.85 3.53
C GLU A 337 17.69 -18.81 2.47
N ILE A 338 18.65 -17.91 2.22
CA ILE A 338 18.68 -17.10 1.01
C ILE A 338 19.75 -17.76 0.14
N ARG A 339 19.33 -18.71 -0.66
CA ARG A 339 20.25 -19.47 -1.49
C ARG A 339 20.40 -18.81 -2.85
N VAL A 340 21.64 -18.76 -3.32
CA VAL A 340 21.94 -18.20 -4.60
C VAL A 340 22.57 -19.28 -5.47
N SEP A 341 21.92 -19.58 -6.59
CA SEP A 341 22.37 -20.66 -7.45
CB SEP A 341 21.34 -20.87 -8.55
OG SEP A 341 21.78 -21.83 -9.50
C SEP A 341 23.72 -20.32 -8.04
O SEP A 341 24.10 -19.15 -8.20
P SEP A 341 21.62 -23.40 -9.19
O1P SEP A 341 21.68 -24.06 -10.60
O2P SEP A 341 22.85 -23.74 -8.29
O3P SEP A 341 20.24 -23.68 -8.43
H SEP A 341 21.22 -19.18 -6.86
HA SEP A 341 22.46 -21.48 -6.93
HB2 SEP A 341 21.18 -20.02 -9.00
HB3 SEP A 341 20.51 -21.18 -8.14
N ILE A 342 24.46 -21.37 -8.37
CA ILE A 342 25.69 -21.26 -9.12
C ILE A 342 25.46 -20.81 -10.56
N ASN A 343 24.23 -20.97 -11.04
CA ASN A 343 23.87 -20.64 -12.41
C ASN A 343 22.83 -19.53 -12.43
N GLU A 344 22.95 -18.62 -13.40
CA GLU A 344 21.98 -17.54 -13.52
C GLU A 344 20.63 -18.08 -13.96
N LYS A 345 19.56 -17.70 -13.26
CA LYS A 345 18.19 -18.09 -13.62
C LYS A 345 17.41 -16.91 -14.16
N CYS A 346 16.68 -17.14 -15.26
CA CYS A 346 15.71 -16.18 -15.77
C CYS A 346 16.34 -14.81 -16.03
N GLY A 347 17.57 -14.81 -16.53
CA GLY A 347 18.26 -13.55 -16.74
C GLY A 347 17.53 -12.67 -17.74
N LYS A 348 17.06 -13.25 -18.83
CA LYS A 348 16.40 -12.46 -19.86
C LYS A 348 15.16 -11.75 -19.32
N GLU A 349 14.32 -12.49 -18.60
CA GLU A 349 13.06 -11.93 -18.10
C GLU A 349 13.29 -10.70 -17.24
N PHE A 350 14.39 -10.69 -16.48
CA PHE A 350 14.62 -9.66 -15.48
C PHE A 350 15.76 -8.71 -15.86
N THR A 351 16.08 -8.62 -17.15
CA THR A 351 17.14 -7.74 -17.62
C THR A 351 17.01 -6.32 -17.08
N GLU A 352 15.79 -5.75 -17.09
CA GLU A 352 15.65 -4.34 -16.73
C GLU A 352 15.71 -4.09 -15.23
N PHE A 353 15.63 -5.13 -14.41
CA PHE A 353 15.62 -4.93 -12.95
C PHE A 353 16.98 -4.44 -12.48
S DMS B . -5.84 17.23 11.75
O DMS B . -6.07 17.09 10.29
C1 DMS B . -5.98 18.99 12.13
C2 DMS B . -7.39 16.70 12.49
H11 DMS B . -5.19 19.51 11.66
H12 DMS B . -5.91 19.13 13.18
H13 DMS B . -6.91 19.35 11.79
H21 DMS B . -8.20 17.25 12.09
H22 DMS B . -7.55 15.66 12.30
H23 DMS B . -7.36 16.85 13.55
S DMS C . 26.87 -1.70 -6.05
O DMS C . 26.78 -3.03 -6.72
C1 DMS C . 28.06 -1.85 -4.70
C2 DMS C . 27.83 -0.57 -7.11
H11 DMS C . 28.99 -2.22 -5.06
H12 DMS C . 27.69 -2.52 -3.96
H13 DMS C . 28.22 -0.89 -4.26
H21 DMS C . 27.99 0.35 -6.60
H22 DMS C . 28.77 -1.01 -7.33
H23 DMS C . 27.30 -0.39 -8.00
S DMS D . 7.60 17.71 -4.51
O DMS D . 7.35 16.35 -5.05
C1 DMS D . 9.30 18.20 -4.83
C2 DMS D . 6.60 18.85 -5.48
H11 DMS D . 9.51 18.11 -5.87
H12 DMS D . 9.95 17.55 -4.29
H13 DMS D . 9.45 19.19 -4.51
H21 DMS D . 5.57 18.64 -5.33
H22 DMS D . 6.83 18.74 -6.51
H23 DMS D . 6.81 19.85 -5.19
N BJQ E . -21.57 10.81 -13.36
CA BJQ E . -21.93 11.97 -12.50
C BJQ E . -22.50 11.44 -11.20
CB BJQ E . -22.96 12.89 -13.17
CG BJQ E . -24.19 12.18 -13.69
CD1 BJQ E . -25.23 11.86 -12.84
CD2 BJQ E . -24.28 11.80 -15.02
CE1 BJQ E . -26.35 11.19 -13.31
CE2 BJQ E . -25.41 11.13 -15.49
CZ BJQ E . -26.44 10.83 -14.63
O BJQ E . -22.86 10.30 -11.04
CM BJQ E . -23.15 11.98 -9.01
OXT BJQ E . -22.57 12.39 -10.27
HN2 BJQ E . -20.63 10.50 -13.18
H3 BJQ E . -21.65 11.05 -14.34
HN1 BJQ E . -22.19 10.02 -13.16
HA BJQ E . -21.03 12.54 -12.28
HBC2 BJQ E . -22.49 13.40 -14.01
HBC1 BJQ E . -23.26 13.69 -12.49
HD1 BJQ E . -25.19 12.13 -11.78
HD2 BJQ E . -23.47 12.03 -15.71
HE1 BJQ E . -27.16 10.96 -12.62
HE2 BJQ E . -25.45 10.84 -16.54
HZ BJQ E . -27.33 10.32 -15.01
HMC3 BJQ E . -23.10 12.92 -8.44
HMC2 BJQ E . -22.57 11.21 -8.52
HMC1 BJQ E . -24.19 11.68 -9.12
#